data_8C4J
#
_entry.id   8C4J
#
_cell.length_a   40.820
_cell.length_b   64.550
_cell.length_c   129.680
_cell.angle_alpha   90.000
_cell.angle_beta   90.000
_cell.angle_gamma   90.000
#
_symmetry.space_group_name_H-M   'P 21 21 21'
#
loop_
_entity.id
_entity.type
_entity.pdbx_description
1 polymer 'Diadenylate cyclase'
2 non-polymer 5-methylpyrimidin-4-amine
3 non-polymer 'CHLORIDE ION'
4 water water
#
_entity_poly.entity_id   1
_entity_poly.type   'polypeptide(L)'
_entity_poly.pdbx_seq_one_letter_code
;GPLGSYGSRIEREQHHLIESIEKSTQYMAKRRIGALISVARDTGMDDYIETGIPLNAKISSQLLINIFIPNTPLHDGAVI
IKGNEIASAASYLPLSDSPFLSKELGTRHRAALGISEVTDSITIVVSEETGGISLTKGGELFRDVSEEELHKILLKELVT
VTAKKPSIFSKWKGGKSE
;
_entity_poly.pdbx_strand_id   A,B
#
# COMPACT_ATOMS: atom_id res chain seq x y z
N SER A 8 -12.86 16.59 -6.12
CA SER A 8 -13.22 16.51 -7.53
C SER A 8 -14.69 16.10 -7.66
N ARG A 9 -15.07 15.60 -8.84
CA ARG A 9 -16.45 15.19 -9.08
C ARG A 9 -16.72 13.84 -8.43
N ILE A 10 -17.83 13.76 -7.70
CA ILE A 10 -18.15 12.56 -6.92
C ILE A 10 -18.37 11.36 -7.83
N GLU A 11 -19.18 11.53 -8.87
CA GLU A 11 -19.51 10.38 -9.71
C GLU A 11 -18.28 9.75 -10.34
N ARG A 12 -17.27 10.56 -10.71
CA ARG A 12 -16.03 9.99 -11.24
C ARG A 12 -15.31 9.14 -10.21
N GLU A 13 -15.26 9.60 -8.95
CA GLU A 13 -14.64 8.81 -7.88
C GLU A 13 -15.42 7.51 -7.64
N GLN A 14 -16.74 7.58 -7.65
CA GLN A 14 -17.54 6.38 -7.42
C GLN A 14 -17.31 5.34 -8.51
N HIS A 15 -17.28 5.75 -9.76
CA HIS A 15 -17.02 4.76 -10.81
C HIS A 15 -15.60 4.21 -10.72
N HIS A 16 -14.65 5.07 -10.33
CA HIS A 16 -13.28 4.60 -10.15
C HIS A 16 -13.19 3.62 -8.99
N LEU A 17 -13.92 3.90 -7.90
CA LEU A 17 -14.03 2.94 -6.80
C LEU A 17 -14.54 1.59 -7.29
N ILE A 18 -15.62 1.60 -8.07
CA ILE A 18 -16.18 0.35 -8.56
C ILE A 18 -15.16 -0.39 -9.40
N GLU A 19 -14.53 0.30 -10.36
CA GLU A 19 -13.56 -0.36 -11.22
C GLU A 19 -12.38 -0.89 -10.42
N SER A 20 -11.94 -0.15 -9.40
CA SER A 20 -10.86 -0.59 -8.52
C SER A 20 -11.21 -1.88 -7.79
N ILE A 21 -12.44 -1.99 -7.29
CA ILE A 21 -12.85 -3.22 -6.61
C ILE A 21 -12.94 -4.36 -7.61
N GLU A 22 -13.55 -4.11 -8.76
CA GLU A 22 -13.71 -5.17 -9.74
C GLU A 22 -12.36 -5.71 -10.19
N LYS A 23 -11.40 -4.81 -10.46
CA LYS A 23 -10.08 -5.20 -10.95
C LYS A 23 -9.28 -5.93 -9.88
N SER A 24 -9.28 -5.41 -8.64
CA SER A 24 -8.51 -6.09 -7.61
C SER A 24 -9.11 -7.43 -7.24
N THR A 25 -10.45 -7.51 -7.07
CA THR A 25 -11.03 -8.80 -6.71
C THR A 25 -10.88 -9.82 -7.84
N GLN A 26 -10.94 -9.40 -9.11
CA GLN A 26 -10.68 -10.35 -10.19
C GLN A 26 -9.26 -10.89 -10.08
N TYR A 27 -8.30 -10.03 -9.74
CA TYR A 27 -6.91 -10.44 -9.65
C TYR A 27 -6.72 -11.41 -8.49
N MET A 28 -7.28 -11.08 -7.33
CA MET A 28 -7.12 -11.93 -6.17
C MET A 28 -7.90 -13.24 -6.30
N ALA A 29 -9.15 -13.16 -6.81
CA ALA A 29 -9.94 -14.37 -7.03
C ALA A 29 -9.19 -15.41 -7.87
N LYS A 30 -8.53 -14.95 -8.93
CA LYS A 30 -7.81 -15.85 -9.84
C LYS A 30 -6.63 -16.54 -9.15
N ARG A 31 -6.09 -15.92 -8.10
CA ARG A 31 -4.92 -16.43 -7.39
C ARG A 31 -5.27 -16.98 -6.01
N ARG A 32 -6.57 -17.07 -5.69
CA ARG A 32 -7.04 -17.56 -4.39
C ARG A 32 -6.37 -16.78 -3.25
N ILE A 33 -6.30 -15.47 -3.41
CA ILE A 33 -5.87 -14.55 -2.37
C ILE A 33 -7.11 -14.03 -1.66
N GLY A 34 -7.23 -14.29 -0.36
CA GLY A 34 -8.37 -13.82 0.38
C GLY A 34 -8.37 -12.31 0.50
N ALA A 35 -9.56 -11.73 0.58
CA ALA A 35 -9.65 -10.29 0.83
C ALA A 35 -10.96 -9.94 1.51
N LEU A 36 -11.03 -8.72 2.01
CA LEU A 36 -12.17 -8.27 2.80
C LEU A 36 -12.14 -6.75 2.72
N ILE A 37 -13.10 -6.17 2.02
CA ILE A 37 -13.08 -4.77 1.65
C ILE A 37 -14.45 -4.23 2.03
N SER A 38 -14.50 -3.28 2.95
CA SER A 38 -15.78 -2.74 3.40
C SER A 38 -15.89 -1.27 3.01
N VAL A 39 -16.97 -0.91 2.33
CA VAL A 39 -17.16 0.47 1.87
C VAL A 39 -18.17 1.14 2.81
N ALA A 40 -17.71 2.17 3.51
CA ALA A 40 -18.58 2.92 4.40
C ALA A 40 -19.63 3.72 3.61
N ARG A 41 -20.80 3.90 4.22
CA ARG A 41 -21.77 4.83 3.65
C ARG A 41 -22.19 5.91 4.63
N ASP A 42 -23.52 6.08 4.77
CA ASP A 42 -24.08 7.03 5.72
C ASP A 42 -23.66 6.70 7.15
N THR A 43 -23.92 5.47 7.58
CA THR A 43 -23.48 5.04 8.91
C THR A 43 -21.94 5.02 8.98
N GLY A 44 -21.42 5.34 10.15
CA GLY A 44 -19.97 5.44 10.31
C GLY A 44 -19.32 4.09 10.50
N MET A 45 -18.19 3.90 9.81
CA MET A 45 -17.18 2.90 10.10
C MET A 45 -16.03 3.44 10.94
N ASP A 46 -16.14 4.66 11.49
CA ASP A 46 -14.95 5.32 12.05
C ASP A 46 -14.30 4.49 13.15
N ASP A 47 -15.09 3.86 14.02
CA ASP A 47 -14.48 3.15 15.15
C ASP A 47 -13.66 1.97 14.65
N TYR A 48 -14.11 1.32 13.57
CA TYR A 48 -13.40 0.19 13.00
C TYR A 48 -12.17 0.65 12.23
N ILE A 49 -12.22 1.85 11.65
CA ILE A 49 -11.03 2.36 10.97
C ILE A 49 -9.90 2.51 11.98
N GLU A 50 -10.24 2.96 13.19
CA GLU A 50 -9.27 3.18 14.24
C GLU A 50 -8.59 1.89 14.69
N THR A 51 -9.17 0.74 14.41
CA THR A 51 -8.59 -0.53 14.81
C THR A 51 -7.53 -1.02 13.84
N GLY A 52 -7.47 -0.44 12.65
CA GLY A 52 -6.54 -0.87 11.63
C GLY A 52 -5.31 0.02 11.56
N ILE A 53 -4.52 -0.21 10.51
CA ILE A 53 -3.34 0.60 10.21
C ILE A 53 -3.79 1.74 9.29
N PRO A 54 -3.57 3.00 9.67
CA PRO A 54 -4.09 4.10 8.84
C PRO A 54 -3.30 4.23 7.56
N LEU A 55 -4.01 4.31 6.43
CA LEU A 55 -3.43 4.58 5.11
C LEU A 55 -3.85 5.93 4.54
N ASN A 56 -5.15 6.26 4.59
CA ASN A 56 -5.68 7.51 4.04
C ASN A 56 -5.16 7.74 2.63
N ALA A 57 -5.25 6.68 1.81
CA ALA A 57 -4.58 6.57 0.53
C ALA A 57 -5.58 6.72 -0.62
N LYS A 58 -5.05 7.08 -1.77
CA LYS A 58 -5.89 7.13 -2.96
C LYS A 58 -6.30 5.72 -3.35
N ILE A 59 -7.55 5.57 -3.80
CA ILE A 59 -8.05 4.25 -4.19
C ILE A 59 -7.44 3.84 -5.52
N SER A 60 -6.93 2.61 -5.57
CA SER A 60 -6.47 2.03 -6.83
C SER A 60 -6.60 0.53 -6.74
N SER A 61 -6.74 -0.14 -7.88
CA SER A 61 -6.72 -1.60 -7.83
C SER A 61 -5.36 -2.11 -7.42
N GLN A 62 -4.29 -1.40 -7.81
CA GLN A 62 -2.93 -1.82 -7.48
C GLN A 62 -2.70 -1.80 -5.98
N LEU A 63 -3.15 -0.75 -5.30
CA LEU A 63 -2.97 -0.71 -3.85
C LEU A 63 -3.81 -1.77 -3.15
N LEU A 64 -5.04 -1.99 -3.62
CA LEU A 64 -5.86 -3.02 -2.99
C LEU A 64 -5.19 -4.37 -3.10
N ILE A 65 -4.64 -4.70 -4.27
CA ILE A 65 -3.97 -5.98 -4.47
C ILE A 65 -2.77 -6.11 -3.55
N ASN A 66 -1.93 -5.07 -3.50
CA ASN A 66 -0.73 -5.16 -2.67
C ASN A 66 -1.07 -5.35 -1.19
N ILE A 67 -2.17 -4.76 -0.73
CA ILE A 67 -2.54 -4.89 0.68
C ILE A 67 -2.77 -6.35 1.06
N PHE A 68 -3.38 -7.13 0.17
CA PHE A 68 -3.86 -8.44 0.58
C PHE A 68 -2.90 -9.57 0.25
N ILE A 69 -1.71 -9.28 -0.24
CA ILE A 69 -0.72 -10.32 -0.48
C ILE A 69 -0.53 -11.09 0.83
N PRO A 70 -0.57 -12.42 0.80
CA PRO A 70 -0.51 -13.18 2.06
C PRO A 70 0.81 -13.02 2.78
N ASN A 71 0.74 -13.13 4.11
CA ASN A 71 1.91 -13.05 5.00
C ASN A 71 2.62 -11.71 4.88
N THR A 72 1.85 -10.64 4.72
CA THR A 72 2.40 -9.29 4.70
C THR A 72 1.80 -8.48 5.84
N PRO A 73 2.48 -7.41 6.27
CA PRO A 73 1.97 -6.61 7.41
C PRO A 73 0.54 -6.13 7.27
N LEU A 74 0.07 -5.77 6.07
CA LEU A 74 -1.26 -5.17 5.98
C LEU A 74 -2.40 -6.15 5.69
N HIS A 75 -2.15 -7.45 5.56
CA HIS A 75 -3.16 -8.26 4.90
C HIS A 75 -4.22 -8.80 5.86
N ASP A 76 -3.89 -8.94 7.15
CA ASP A 76 -4.71 -9.75 8.05
C ASP A 76 -5.80 -8.90 8.69
N GLY A 77 -6.88 -8.72 7.95
CA GLY A 77 -8.06 -8.01 8.43
C GLY A 77 -8.71 -7.29 7.28
N ALA A 78 -9.60 -6.36 7.61
CA ALA A 78 -10.40 -5.72 6.57
C ALA A 78 -9.75 -4.42 6.09
N VAL A 79 -9.93 -4.14 4.82
CA VAL A 79 -9.71 -2.79 4.30
C VAL A 79 -11.01 -2.02 4.43
N ILE A 80 -10.92 -0.76 4.86
CA ILE A 80 -12.12 0.07 4.99
C ILE A 80 -11.91 1.27 4.08
N ILE A 81 -12.82 1.42 3.12
CA ILE A 81 -12.86 2.57 2.23
C ILE A 81 -13.85 3.56 2.81
N LYS A 82 -13.47 4.83 2.85
CA LYS A 82 -14.34 5.87 3.38
C LYS A 82 -14.21 7.08 2.48
N GLY A 83 -15.33 7.53 1.91
CA GLY A 83 -15.25 8.62 0.96
C GLY A 83 -14.36 8.21 -0.21
N ASN A 84 -13.37 9.04 -0.52
CA ASN A 84 -12.52 8.73 -1.66
C ASN A 84 -11.16 8.20 -1.25
N GLU A 85 -11.06 7.60 -0.06
CA GLU A 85 -9.78 7.07 0.38
C GLU A 85 -9.90 5.64 0.84
N ILE A 86 -8.82 4.89 0.69
CA ILE A 86 -8.63 3.68 1.49
C ILE A 86 -8.21 4.15 2.88
N ALA A 87 -9.12 4.04 3.86
CA ALA A 87 -8.86 4.66 5.16
C ALA A 87 -7.88 3.84 5.99
N SER A 88 -8.08 2.53 6.04
CA SER A 88 -7.29 1.65 6.88
C SER A 88 -7.19 0.28 6.21
N ALA A 89 -6.17 -0.46 6.63
CA ALA A 89 -6.05 -1.89 6.34
C ALA A 89 -5.89 -2.62 7.66
N ALA A 90 -6.10 -3.94 7.63
CA ALA A 90 -5.96 -4.80 8.81
C ALA A 90 -6.87 -4.36 9.94
N SER A 91 -8.07 -3.88 9.60
CA SER A 91 -9.05 -3.52 10.61
C SER A 91 -9.87 -4.71 11.08
N TYR A 92 -10.27 -4.66 12.34
CA TYR A 92 -11.28 -5.57 12.89
C TYR A 92 -12.69 -5.16 12.47
N LEU A 93 -13.49 -6.16 12.09
CA LEU A 93 -14.92 -5.97 11.99
C LEU A 93 -15.59 -6.93 12.98
N PRO A 94 -16.80 -6.61 13.43
CA PRO A 94 -17.48 -7.52 14.34
C PRO A 94 -17.86 -8.80 13.60
N LEU A 95 -17.67 -9.95 14.26
CA LEU A 95 -18.07 -11.23 13.67
C LEU A 95 -19.54 -11.53 13.95
N SER A 96 -20.28 -11.93 12.91
CA SER A 96 -21.65 -12.39 13.10
C SER A 96 -21.66 -13.66 13.94
N ASP A 97 -22.64 -13.76 14.83
CA ASP A 97 -22.90 -15.01 15.53
C ASP A 97 -23.98 -15.83 14.84
N SER A 98 -24.40 -15.45 13.64
CA SER A 98 -25.54 -16.13 13.00
C SER A 98 -25.22 -17.61 12.76
N PRO A 99 -26.11 -18.53 13.13
CA PRO A 99 -25.93 -19.94 12.77
C PRO A 99 -26.40 -20.27 11.37
N PHE A 100 -26.95 -19.28 10.66
CA PHE A 100 -27.38 -19.46 9.29
C PHE A 100 -26.21 -19.37 8.32
N LEU A 101 -25.11 -18.75 8.73
CA LEU A 101 -23.94 -18.66 7.86
C LEU A 101 -23.32 -20.05 7.72
N SER A 102 -23.11 -20.48 6.48
CA SER A 102 -22.58 -21.80 6.21
C SER A 102 -21.25 -22.02 6.94
N LYS A 103 -21.12 -23.21 7.54
CA LYS A 103 -19.90 -23.59 8.25
C LYS A 103 -18.69 -23.68 7.32
N GLU A 104 -18.90 -23.86 6.01
CA GLU A 104 -17.78 -23.96 5.09
C GLU A 104 -17.16 -22.61 4.75
N LEU A 105 -17.80 -21.51 5.13
CA LEU A 105 -17.20 -20.20 4.97
C LEU A 105 -16.33 -19.85 6.17
N GLY A 106 -15.41 -18.93 5.94
CA GLY A 106 -14.37 -18.61 6.91
C GLY A 106 -14.65 -17.33 7.67
N THR A 107 -13.60 -16.85 8.32
CA THR A 107 -13.70 -15.69 9.19
C THR A 107 -13.98 -14.42 8.39
N ARG A 108 -13.39 -14.29 7.21
CA ARG A 108 -13.64 -13.12 6.39
C ARG A 108 -15.13 -12.95 6.09
N HIS A 109 -15.80 -14.04 5.71
CA HIS A 109 -17.24 -14.01 5.49
C HIS A 109 -18.00 -13.68 6.77
N ARG A 110 -17.58 -14.26 7.89
CA ARG A 110 -18.29 -14.00 9.13
C ARG A 110 -18.12 -12.55 9.54
N ALA A 111 -16.91 -11.99 9.32
CA ALA A 111 -16.65 -10.58 9.57
C ALA A 111 -17.49 -9.70 8.66
N ALA A 112 -17.51 -9.99 7.34
CA ALA A 112 -18.36 -9.26 6.40
C ALA A 112 -19.82 -9.33 6.78
N LEU A 113 -20.30 -10.50 7.21
CA LEU A 113 -21.70 -10.54 7.64
C LEU A 113 -21.91 -9.67 8.87
N GLY A 114 -20.96 -9.71 9.81
CA GLY A 114 -21.16 -9.01 11.08
C GLY A 114 -21.23 -7.51 10.92
N ILE A 115 -20.38 -6.93 10.07
CA ILE A 115 -20.41 -5.48 9.86
C ILE A 115 -21.69 -5.08 9.15
N SER A 116 -22.18 -5.95 8.25
CA SER A 116 -23.41 -5.66 7.54
C SER A 116 -24.63 -5.71 8.45
N GLU A 117 -24.53 -6.36 9.59
CA GLU A 117 -25.65 -6.39 10.52
C GLU A 117 -25.79 -5.10 11.32
N VAL A 118 -24.73 -4.30 11.43
CA VAL A 118 -24.76 -3.13 12.30
C VAL A 118 -24.40 -1.84 11.58
N THR A 119 -24.10 -1.89 10.29
CA THR A 119 -23.89 -0.72 9.45
C THR A 119 -24.64 -0.92 8.14
N ASP A 120 -24.82 0.17 7.39
CA ASP A 120 -25.29 0.07 6.00
C ASP A 120 -24.13 -0.04 5.01
N SER A 121 -22.97 -0.53 5.45
N SER A 121 -22.98 -0.54 5.45
CA SER A 121 -21.82 -0.67 4.57
CA SER A 121 -21.82 -0.65 4.58
C SER A 121 -22.05 -1.77 3.55
C SER A 121 -22.02 -1.78 3.57
N ILE A 122 -21.27 -1.70 2.47
CA ILE A 122 -21.24 -2.72 1.43
C ILE A 122 -19.91 -3.41 1.58
N THR A 123 -19.88 -4.71 1.80
CA THR A 123 -18.61 -5.39 2.02
C THR A 123 -18.43 -6.51 1.01
N ILE A 124 -17.19 -6.64 0.49
CA ILE A 124 -16.85 -7.59 -0.56
C ILE A 124 -15.78 -8.52 -0.02
N VAL A 125 -15.95 -9.82 -0.24
CA VAL A 125 -15.04 -10.86 0.23
C VAL A 125 -14.53 -11.66 -0.96
N VAL A 126 -13.23 -12.01 -0.94
CA VAL A 126 -12.68 -13.00 -1.86
C VAL A 126 -12.28 -14.21 -1.03
N SER A 127 -12.85 -15.37 -1.32
CA SER A 127 -12.49 -16.55 -0.54
C SER A 127 -11.11 -17.03 -0.95
N GLU A 128 -10.25 -17.30 0.04
CA GLU A 128 -8.97 -17.92 -0.30
C GLU A 128 -9.11 -19.42 -0.52
N GLU A 129 -10.25 -20.00 -0.16
CA GLU A 129 -10.45 -21.42 -0.40
C GLU A 129 -10.84 -21.68 -1.85
N THR A 130 -11.78 -20.88 -2.37
CA THR A 130 -12.39 -21.14 -3.67
C THR A 130 -12.13 -20.05 -4.70
N GLY A 131 -11.77 -18.84 -4.28
CA GLY A 131 -11.70 -17.71 -5.17
C GLY A 131 -13.03 -17.05 -5.44
N GLY A 132 -14.13 -17.58 -4.92
CA GLY A 132 -15.42 -16.97 -5.16
C GLY A 132 -15.51 -15.61 -4.50
N ILE A 133 -16.24 -14.71 -5.15
CA ILE A 133 -16.49 -13.37 -4.63
C ILE A 133 -17.86 -13.33 -3.96
N SER A 134 -17.92 -12.79 -2.75
CA SER A 134 -19.19 -12.66 -2.06
C SER A 134 -19.38 -11.22 -1.61
N LEU A 135 -20.60 -10.89 -1.22
CA LEU A 135 -20.97 -9.53 -0.90
C LEU A 135 -21.97 -9.55 0.24
N THR A 136 -21.81 -8.63 1.23
CA THR A 136 -22.78 -8.52 2.32
C THR A 136 -23.36 -7.11 2.42
N LYS A 137 -24.63 -7.06 2.84
CA LYS A 137 -25.41 -5.84 3.00
C LYS A 137 -26.63 -6.17 3.87
N GLY A 138 -26.91 -5.34 4.86
CA GLY A 138 -28.12 -5.49 5.65
C GLY A 138 -28.26 -6.84 6.30
N GLY A 139 -27.15 -7.50 6.61
CA GLY A 139 -27.21 -8.82 7.23
C GLY A 139 -27.52 -9.97 6.29
N GLU A 140 -27.40 -9.77 4.98
CA GLU A 140 -27.57 -10.84 4.00
C GLU A 140 -26.24 -11.05 3.29
N LEU A 141 -26.04 -12.28 2.82
CA LEU A 141 -24.86 -12.68 2.07
C LEU A 141 -25.26 -13.05 0.65
N PHE A 142 -24.54 -12.53 -0.32
CA PHE A 142 -24.73 -12.89 -1.72
C PHE A 142 -23.48 -13.67 -2.12
N ARG A 143 -23.61 -15.00 -2.14
CA ARG A 143 -22.44 -15.87 -2.22
C ARG A 143 -22.03 -16.16 -3.68
N ASP A 144 -20.73 -16.07 -3.95
CA ASP A 144 -20.11 -16.45 -5.22
C ASP A 144 -20.82 -15.83 -6.43
N VAL A 145 -20.79 -14.49 -6.47
CA VAL A 145 -21.49 -13.76 -7.51
C VAL A 145 -20.63 -13.74 -8.77
N SER A 146 -21.30 -13.65 -9.92
CA SER A 146 -20.56 -13.49 -11.16
C SER A 146 -20.00 -12.07 -11.29
N GLU A 147 -19.17 -11.87 -12.32
CA GLU A 147 -18.66 -10.53 -12.59
C GLU A 147 -19.79 -9.59 -13.01
N GLU A 148 -20.78 -10.10 -13.76
CA GLU A 148 -21.94 -9.30 -14.11
C GLU A 148 -22.77 -8.97 -12.87
N GLU A 149 -23.04 -9.96 -12.02
CA GLU A 149 -23.76 -9.69 -10.78
C GLU A 149 -23.00 -8.67 -9.93
N LEU A 150 -21.70 -8.87 -9.77
CA LEU A 150 -20.95 -7.95 -8.91
C LEU A 150 -21.02 -6.53 -9.44
N HIS A 151 -20.83 -6.38 -10.76
CA HIS A 151 -20.92 -5.08 -11.43
C HIS A 151 -22.26 -4.39 -11.19
N LYS A 152 -23.37 -5.09 -11.36
CA LYS A 152 -24.67 -4.44 -11.20
C LYS A 152 -24.95 -4.10 -9.73
N ILE A 153 -24.51 -4.95 -8.80
CA ILE A 153 -24.69 -4.65 -7.38
C ILE A 153 -23.90 -3.39 -7.00
N LEU A 154 -22.64 -3.32 -7.43
CA LEU A 154 -21.81 -2.17 -7.06
C LEU A 154 -22.29 -0.88 -7.71
N LEU A 155 -22.70 -0.95 -9.00
CA LEU A 155 -23.34 0.22 -9.63
C LEU A 155 -24.51 0.72 -8.79
N LYS A 156 -25.39 -0.20 -8.38
CA LYS A 156 -26.62 0.20 -7.72
C LYS A 156 -26.34 0.77 -6.35
N GLU A 157 -25.36 0.20 -5.65
CA GLU A 157 -25.11 0.50 -4.24
C GLU A 157 -24.11 1.62 -4.03
N LEU A 158 -23.13 1.78 -4.91
CA LEU A 158 -22.05 2.73 -4.70
C LEU A 158 -22.17 3.99 -5.53
N VAL A 159 -22.99 4.01 -6.57
CA VAL A 159 -23.16 5.20 -7.41
C VAL A 159 -24.46 5.88 -7.03
N THR A 160 -24.33 7.07 -6.44
CA THR A 160 -25.46 7.84 -5.95
C THR A 160 -25.56 9.15 -6.71
N ILE B 10 6.39 19.02 12.50
CA ILE B 10 7.31 18.59 11.45
C ILE B 10 8.43 17.73 12.03
N GLU B 11 8.93 18.08 13.22
CA GLU B 11 10.05 17.34 13.79
C GLU B 11 9.61 15.93 14.20
N ARG B 12 8.43 15.81 14.80
CA ARG B 12 7.89 14.48 15.05
C ARG B 12 7.70 13.70 13.76
N GLU B 13 7.24 14.36 12.69
CA GLU B 13 7.10 13.71 11.40
C GLU B 13 8.42 13.14 10.91
N GLN B 14 9.50 13.90 11.06
CA GLN B 14 10.79 13.45 10.55
C GLN B 14 11.31 12.24 11.33
N HIS B 15 11.18 12.24 12.66
CA HIS B 15 11.59 11.05 13.39
C HIS B 15 10.74 9.85 12.99
N HIS B 16 9.44 10.05 12.82
CA HIS B 16 8.61 8.93 12.40
C HIS B 16 9.05 8.42 11.02
N LEU B 17 9.31 9.34 10.10
CA LEU B 17 9.76 8.95 8.76
C LEU B 17 11.00 8.07 8.84
N ILE B 18 11.99 8.51 9.58
CA ILE B 18 13.23 7.76 9.76
C ILE B 18 12.94 6.37 10.32
N GLU B 19 12.15 6.29 11.39
CA GLU B 19 11.83 4.99 11.95
C GLU B 19 11.17 4.08 10.92
N SER B 20 10.25 4.62 10.12
CA SER B 20 9.52 3.80 9.16
C SER B 20 10.45 3.26 8.07
N ILE B 21 11.39 4.09 7.63
CA ILE B 21 12.38 3.63 6.67
C ILE B 21 13.28 2.56 7.27
N GLU B 22 13.73 2.77 8.52
CA GLU B 22 14.64 1.80 9.12
C GLU B 22 13.95 0.46 9.29
N LYS B 23 12.77 0.45 9.90
CA LYS B 23 12.04 -0.79 10.13
C LYS B 23 11.73 -1.52 8.81
N SER B 24 11.24 -0.79 7.81
CA SER B 24 10.85 -1.45 6.56
C SER B 24 12.06 -1.99 5.80
N THR B 25 13.14 -1.22 5.73
CA THR B 25 14.30 -1.71 5.00
C THR B 25 15.01 -2.82 5.78
N GLN B 26 14.97 -2.78 7.12
CA GLN B 26 15.50 -3.93 7.86
C GLN B 26 14.66 -5.19 7.57
N TYR B 27 13.34 -5.06 7.49
CA TYR B 27 12.52 -6.21 7.15
C TYR B 27 12.88 -6.72 5.76
N MET B 28 12.99 -5.80 4.80
CA MET B 28 13.22 -6.20 3.41
C MET B 28 14.62 -6.78 3.22
N ALA B 29 15.61 -6.20 3.90
CA ALA B 29 16.98 -6.67 3.75
C ALA B 29 17.16 -8.11 4.22
N LYS B 30 16.49 -8.48 5.32
CA LYS B 30 16.63 -9.84 5.83
C LYS B 30 16.09 -10.84 4.83
N ARG B 31 15.13 -10.43 4.02
CA ARG B 31 14.47 -11.31 3.06
C ARG B 31 14.94 -11.07 1.63
N ARG B 32 15.92 -10.21 1.43
CA ARG B 32 16.44 -9.91 0.09
C ARG B 32 15.35 -9.42 -0.84
N ILE B 33 14.51 -8.50 -0.35
CA ILE B 33 13.46 -7.89 -1.16
C ILE B 33 14.00 -6.58 -1.70
N GLY B 34 14.07 -6.44 -3.02
CA GLY B 34 14.58 -5.19 -3.58
C GLY B 34 13.66 -4.03 -3.23
N ALA B 35 14.27 -2.88 -2.92
CA ALA B 35 13.45 -1.71 -2.60
C ALA B 35 14.20 -0.43 -2.97
N LEU B 36 13.43 0.63 -3.21
CA LEU B 36 13.98 1.89 -3.70
C LEU B 36 13.07 3.01 -3.18
N ILE B 37 13.57 3.79 -2.22
CA ILE B 37 12.76 4.78 -1.51
C ILE B 37 13.49 6.12 -1.59
N SER B 38 12.87 7.11 -2.22
CA SER B 38 13.51 8.41 -2.50
C SER B 38 12.73 9.48 -1.74
N VAL B 39 13.42 10.18 -0.84
CA VAL B 39 12.79 11.16 0.04
C VAL B 39 13.14 12.55 -0.48
N ALA B 40 12.12 13.30 -0.86
CA ALA B 40 12.33 14.65 -1.37
C ALA B 40 12.74 15.57 -0.24
N ARG B 41 13.63 16.51 -0.56
CA ARG B 41 13.96 17.57 0.38
C ARG B 41 13.60 18.92 -0.20
N ASP B 42 14.58 19.78 -0.47
CA ASP B 42 14.27 21.16 -0.84
C ASP B 42 13.91 21.30 -2.31
N THR B 43 14.60 20.59 -3.20
CA THR B 43 14.29 20.68 -4.63
C THR B 43 13.08 19.81 -4.96
N GLY B 44 12.29 20.28 -5.93
CA GLY B 44 11.09 19.57 -6.31
C GLY B 44 11.42 18.27 -7.02
N MET B 45 10.68 17.22 -6.67
CA MET B 45 10.87 15.89 -7.27
C MET B 45 9.73 15.51 -8.20
N ASP B 46 9.23 16.47 -8.97
CA ASP B 46 8.22 16.17 -9.99
C ASP B 46 8.75 16.30 -11.41
N ASP B 47 9.75 17.17 -11.61
CA ASP B 47 10.34 17.40 -12.93
C ASP B 47 11.34 16.32 -13.33
N TYR B 48 11.75 15.46 -12.39
CA TYR B 48 12.68 14.37 -12.68
C TYR B 48 12.10 12.99 -12.40
N ILE B 49 10.82 12.89 -12.02
CA ILE B 49 10.16 11.60 -11.82
C ILE B 49 9.04 11.41 -12.82
N GLU B 50 8.90 10.17 -13.29
CA GLU B 50 7.74 9.72 -14.07
C GLU B 50 6.84 9.03 -13.06
N THR B 51 5.69 9.65 -12.79
CA THR B 51 4.89 9.21 -11.67
C THR B 51 4.36 7.81 -11.95
N GLY B 52 4.46 6.94 -10.95
CA GLY B 52 3.95 5.60 -11.09
C GLY B 52 2.49 5.59 -10.73
N ILE B 53 2.18 5.01 -9.58
CA ILE B 53 0.82 4.88 -9.07
C ILE B 53 0.67 5.87 -7.91
N PRO B 54 -0.15 6.91 -8.04
CA PRO B 54 -0.41 7.81 -6.91
C PRO B 54 -1.00 7.08 -5.71
N LEU B 55 -0.45 7.40 -4.54
CA LEU B 55 -0.91 6.85 -3.27
C LEU B 55 -1.33 7.92 -2.27
N ASN B 56 -0.55 9.00 -2.17
CA ASN B 56 -0.76 10.08 -1.22
C ASN B 56 -1.12 9.53 0.16
N ALA B 57 -0.34 8.55 0.60
CA ALA B 57 -0.72 7.72 1.74
C ALA B 57 0.02 8.18 3.00
N LYS B 58 -0.54 7.83 4.14
CA LYS B 58 0.18 8.00 5.41
C LYS B 58 1.45 7.15 5.43
N ILE B 59 2.55 7.72 5.93
CA ILE B 59 3.81 6.98 6.00
C ILE B 59 3.75 5.94 7.13
N SER B 60 4.10 4.70 6.82
CA SER B 60 4.25 3.68 7.86
C SER B 60 5.20 2.61 7.33
N SER B 61 5.84 1.92 8.27
CA SER B 61 6.70 0.80 7.88
C SER B 61 5.90 -0.31 7.21
N GLN B 62 4.65 -0.53 7.67
CA GLN B 62 3.82 -1.60 7.15
C GLN B 62 3.49 -1.39 5.67
N LEU B 63 3.10 -0.17 5.30
CA LEU B 63 2.78 0.10 3.90
C LEU B 63 4.03 0.03 3.02
N LEU B 64 5.16 0.52 3.53
CA LEU B 64 6.40 0.43 2.76
C LEU B 64 6.74 -1.03 2.48
N ILE B 65 6.60 -1.92 3.48
CA ILE B 65 6.85 -3.34 3.26
C ILE B 65 5.88 -3.92 2.23
N ASN B 66 4.58 -3.64 2.38
CA ASN B 66 3.64 -4.25 1.44
C ASN B 66 3.89 -3.80 0.00
N ILE B 67 4.34 -2.56 -0.20
CA ILE B 67 4.56 -2.03 -1.55
C ILE B 67 5.60 -2.84 -2.31
N PHE B 68 6.65 -3.28 -1.63
CA PHE B 68 7.80 -3.84 -2.33
C PHE B 68 7.79 -5.35 -2.46
N ILE B 69 6.75 -6.04 -1.98
CA ILE B 69 6.71 -7.48 -2.13
C ILE B 69 6.90 -7.82 -3.60
N PRO B 70 7.68 -8.86 -3.94
CA PRO B 70 7.97 -9.13 -5.34
C PRO B 70 6.75 -9.64 -6.09
N ASN B 71 6.71 -9.29 -7.37
CA ASN B 71 5.70 -9.77 -8.31
C ASN B 71 4.34 -9.15 -8.06
N THR B 72 4.31 -7.98 -7.43
CA THR B 72 3.07 -7.30 -7.07
C THR B 72 2.94 -6.03 -7.90
N PRO B 73 1.72 -5.49 -8.04
CA PRO B 73 1.55 -4.32 -8.92
C PRO B 73 2.35 -3.09 -8.51
N LEU B 74 2.66 -2.89 -7.23
CA LEU B 74 3.34 -1.68 -6.83
C LEU B 74 4.86 -1.80 -6.68
N HIS B 75 5.43 -3.01 -6.83
CA HIS B 75 6.82 -3.16 -6.39
C HIS B 75 7.82 -2.60 -7.39
N ASP B 76 7.49 -2.56 -8.68
CA ASP B 76 8.54 -2.39 -9.71
C ASP B 76 8.80 -0.91 -10.00
N GLY B 77 9.56 -0.29 -9.12
CA GLY B 77 9.92 1.10 -9.29
C GLY B 77 10.22 1.70 -7.93
N ALA B 78 10.26 3.03 -7.88
CA ALA B 78 10.62 3.76 -6.67
C ALA B 78 9.39 4.23 -5.91
N VAL B 79 9.46 4.16 -4.57
CA VAL B 79 8.55 4.92 -3.72
C VAL B 79 9.07 6.34 -3.60
N ILE B 80 8.17 7.32 -3.72
CA ILE B 80 8.52 8.72 -3.62
C ILE B 80 7.80 9.30 -2.41
N ILE B 81 8.58 9.80 -1.46
CA ILE B 81 8.06 10.39 -0.24
C ILE B 81 8.20 11.89 -0.34
N LYS B 82 7.09 12.62 -0.26
CA LYS B 82 7.08 14.08 -0.32
C LYS B 82 6.31 14.59 0.89
N GLY B 83 6.92 15.54 1.60
CA GLY B 83 6.38 16.02 2.85
C GLY B 83 6.06 14.87 3.78
N ASN B 84 4.82 14.78 4.21
CA ASN B 84 4.44 13.79 5.19
C ASN B 84 3.72 12.61 4.57
N GLU B 85 3.93 12.36 3.27
CA GLU B 85 3.11 11.38 2.57
C GLU B 85 3.97 10.50 1.68
N ILE B 86 3.58 9.24 1.57
CA ILE B 86 4.06 8.39 0.49
C ILE B 86 3.30 8.86 -0.75
N ALA B 87 3.98 9.56 -1.65
CA ALA B 87 3.30 10.17 -2.78
C ALA B 87 2.95 9.16 -3.85
N SER B 88 3.88 8.27 -4.20
CA SER B 88 3.65 7.31 -5.27
C SER B 88 4.52 6.09 -5.06
N ALA B 89 4.14 5.01 -5.73
CA ALA B 89 4.95 3.81 -5.87
C ALA B 89 5.12 3.51 -7.35
N ALA B 90 6.06 2.61 -7.65
CA ALA B 90 6.39 2.19 -9.02
C ALA B 90 6.67 3.39 -9.94
N SER B 91 7.32 4.42 -9.39
CA SER B 91 7.74 5.60 -10.14
C SER B 91 9.12 5.41 -10.76
N TYR B 92 9.33 6.07 -11.90
CA TYR B 92 10.63 5.98 -12.56
C TYR B 92 11.51 7.17 -12.17
N LEU B 93 12.72 6.90 -11.79
CA LEU B 93 13.74 7.91 -11.57
C LEU B 93 14.70 7.96 -12.74
N PRO B 94 15.44 9.05 -12.92
CA PRO B 94 16.45 9.07 -13.98
C PRO B 94 17.58 8.13 -13.64
N LEU B 95 18.14 7.48 -14.66
CA LEU B 95 19.24 6.55 -14.46
C LEU B 95 20.56 7.28 -14.67
N SER B 96 21.47 7.15 -13.70
CA SER B 96 22.80 7.71 -13.88
C SER B 96 23.56 6.96 -14.97
N ASP B 97 24.42 7.68 -15.70
CA ASP B 97 25.33 7.05 -16.64
C ASP B 97 26.72 6.80 -16.05
N SER B 98 26.83 6.83 -14.72
CA SER B 98 28.16 6.77 -14.10
C SER B 98 28.84 5.44 -14.36
N PRO B 99 30.11 5.44 -14.78
CA PRO B 99 30.87 4.19 -14.91
C PRO B 99 31.55 3.73 -13.64
N PHE B 100 31.37 4.45 -12.54
CA PHE B 100 32.02 4.10 -11.28
C PHE B 100 31.10 3.31 -10.37
N LEU B 101 29.80 3.36 -10.64
CA LEU B 101 28.85 2.51 -9.95
C LEU B 101 29.20 1.06 -10.22
N SER B 102 29.41 0.29 -9.15
CA SER B 102 29.86 -1.09 -9.30
C SER B 102 28.99 -1.85 -10.27
N LYS B 103 29.62 -2.62 -11.15
CA LYS B 103 28.88 -3.32 -12.18
C LYS B 103 27.91 -4.34 -11.59
N GLU B 104 28.17 -4.79 -10.37
CA GLU B 104 27.31 -5.78 -9.71
C GLU B 104 26.11 -5.14 -9.02
N LEU B 105 25.95 -3.83 -9.12
CA LEU B 105 24.75 -3.18 -8.61
C LEU B 105 23.68 -3.12 -9.68
N GLY B 106 22.43 -3.04 -9.23
CA GLY B 106 21.29 -3.19 -10.09
C GLY B 106 20.72 -1.87 -10.60
N THR B 107 19.69 -2.02 -11.43
CA THR B 107 18.94 -0.89 -11.95
C THR B 107 18.50 0.05 -10.84
N ARG B 108 18.02 -0.49 -9.72
CA ARG B 108 17.52 0.40 -8.68
C ARG B 108 18.64 1.25 -8.08
N HIS B 109 19.87 0.72 -7.98
CA HIS B 109 20.98 1.56 -7.53
C HIS B 109 21.28 2.67 -8.54
N ARG B 110 21.22 2.34 -9.83
CA ARG B 110 21.50 3.33 -10.87
C ARG B 110 20.43 4.43 -10.85
N ALA B 111 19.18 4.03 -10.55
CA ALA B 111 18.09 5.00 -10.44
C ALA B 111 18.27 5.89 -9.22
N ALA B 112 18.67 5.31 -8.09
CA ALA B 112 18.94 6.11 -6.91
C ALA B 112 20.08 7.09 -7.16
N LEU B 113 21.12 6.64 -7.87
CA LEU B 113 22.23 7.55 -8.15
C LEU B 113 21.79 8.67 -9.10
N GLY B 114 20.99 8.33 -10.11
CA GLY B 114 20.53 9.33 -11.05
C GLY B 114 19.68 10.42 -10.42
N ILE B 115 18.73 10.04 -9.57
CA ILE B 115 17.90 11.06 -8.94
C ILE B 115 18.77 11.93 -8.03
N SER B 116 19.80 11.35 -7.42
CA SER B 116 20.65 12.13 -6.53
C SER B 116 21.51 13.13 -7.29
N GLU B 117 21.77 12.88 -8.59
CA GLU B 117 22.57 13.82 -9.38
C GLU B 117 21.80 15.08 -9.72
N VAL B 118 20.47 15.09 -9.64
CA VAL B 118 19.67 16.19 -10.15
C VAL B 118 18.72 16.74 -9.11
N THR B 119 18.73 16.23 -7.88
CA THR B 119 17.94 16.75 -6.78
C THR B 119 18.75 16.62 -5.50
N ASP B 120 18.32 17.31 -4.45
CA ASP B 120 18.89 17.11 -3.13
C ASP B 120 18.15 16.04 -2.33
N SER B 121 17.44 15.14 -3.01
N SER B 121 17.44 15.15 -3.00
CA SER B 121 16.76 14.03 -2.37
CA SER B 121 16.74 14.07 -2.32
C SER B 121 17.74 13.11 -1.64
C SER B 121 17.73 13.12 -1.64
N ILE B 122 17.20 12.36 -0.68
CA ILE B 122 17.94 11.29 -0.02
C ILE B 122 17.25 9.98 -0.41
N THR B 123 18.00 9.04 -0.98
CA THR B 123 17.37 7.83 -1.50
C THR B 123 17.99 6.59 -0.88
N ILE B 124 17.13 5.62 -0.52
CA ILE B 124 17.53 4.40 0.17
C ILE B 124 17.24 3.21 -0.72
N VAL B 125 18.21 2.29 -0.83
CA VAL B 125 18.10 1.12 -1.71
C VAL B 125 18.36 -0.13 -0.89
N VAL B 126 17.52 -1.15 -1.07
CA VAL B 126 17.80 -2.49 -0.56
C VAL B 126 18.12 -3.36 -1.76
N SER B 127 19.23 -4.07 -1.71
CA SER B 127 19.60 -4.95 -2.81
C SER B 127 18.87 -6.28 -2.72
N GLU B 128 18.28 -6.71 -3.84
CA GLU B 128 17.63 -8.02 -3.86
C GLU B 128 18.64 -9.16 -3.98
N GLU B 129 19.91 -8.86 -4.28
CA GLU B 129 20.93 -9.90 -4.39
C GLU B 129 21.53 -10.25 -3.04
N THR B 130 21.93 -9.22 -2.28
CA THR B 130 22.65 -9.39 -1.03
C THR B 130 21.90 -8.90 0.20
N GLY B 131 20.78 -8.19 0.03
CA GLY B 131 20.17 -7.54 1.16
C GLY B 131 20.90 -6.32 1.68
N GLY B 132 22.05 -5.96 1.11
CA GLY B 132 22.74 -4.77 1.57
C GLY B 132 21.90 -3.52 1.33
N ILE B 133 22.05 -2.56 2.24
CA ILE B 133 21.33 -1.30 2.17
C ILE B 133 22.30 -0.21 1.71
N SER B 134 21.85 0.63 0.77
CA SER B 134 22.69 1.71 0.22
C SER B 134 21.93 3.03 0.30
N LEU B 135 22.69 4.11 0.25
CA LEU B 135 22.18 5.47 0.24
C LEU B 135 22.81 6.24 -0.92
N THR B 136 22.04 7.14 -1.54
CA THR B 136 22.59 8.10 -2.48
C THR B 136 22.22 9.50 -2.07
N LYS B 137 23.16 10.42 -2.30
CA LYS B 137 22.97 11.83 -2.02
C LYS B 137 23.99 12.60 -2.83
N GLY B 138 23.55 13.68 -3.49
CA GLY B 138 24.48 14.56 -4.16
C GLY B 138 25.36 13.89 -5.20
N GLY B 139 24.86 12.87 -5.87
CA GLY B 139 25.56 12.26 -6.98
C GLY B 139 26.54 11.16 -6.59
N GLU B 140 26.46 10.65 -5.36
CA GLU B 140 27.38 9.66 -4.84
C GLU B 140 26.60 8.61 -4.06
N LEU B 141 27.21 7.44 -3.90
CA LEU B 141 26.55 6.31 -3.27
C LEU B 141 27.39 5.84 -2.09
N PHE B 142 26.72 5.45 -1.02
CA PHE B 142 27.35 4.87 0.16
C PHE B 142 26.79 3.46 0.29
N ARG B 143 27.63 2.47 0.02
CA ARG B 143 27.15 1.11 -0.22
C ARG B 143 27.24 0.24 1.03
N ASP B 144 26.20 -0.55 1.26
CA ASP B 144 26.21 -1.60 2.27
C ASP B 144 26.42 -1.03 3.67
N VAL B 145 25.51 -0.13 4.06
CA VAL B 145 25.61 0.60 5.33
C VAL B 145 25.16 -0.31 6.47
N SER B 146 25.72 -0.08 7.65
CA SER B 146 25.22 -0.75 8.83
C SER B 146 23.98 -0.04 9.37
N GLU B 147 23.32 -0.66 10.35
CA GLU B 147 22.14 -0.04 10.94
C GLU B 147 22.49 1.28 11.61
N GLU B 148 23.59 1.29 12.37
CA GLU B 148 24.06 2.53 12.97
C GLU B 148 24.42 3.55 11.91
N GLU B 149 25.07 3.11 10.83
CA GLU B 149 25.42 4.05 9.75
C GLU B 149 24.17 4.61 9.10
N LEU B 150 23.19 3.74 8.81
CA LEU B 150 21.93 4.18 8.23
C LEU B 150 21.22 5.19 9.14
N HIS B 151 21.14 4.89 10.43
CA HIS B 151 20.41 5.77 11.34
C HIS B 151 21.07 7.15 11.41
N LYS B 152 22.40 7.17 11.61
CA LYS B 152 23.11 8.43 11.75
C LYS B 152 22.94 9.32 10.54
N ILE B 153 23.05 8.76 9.34
CA ILE B 153 22.90 9.57 8.12
C ILE B 153 21.45 10.03 7.93
N LEU B 154 20.48 9.13 8.15
CA LEU B 154 19.08 9.54 8.05
C LEU B 154 18.77 10.66 9.02
N LEU B 155 19.26 10.55 10.27
CA LEU B 155 19.06 11.59 11.25
C LEU B 155 19.67 12.91 10.77
N LYS B 156 20.90 12.86 10.26
CA LYS B 156 21.57 14.08 9.83
C LYS B 156 20.83 14.73 8.67
N GLU B 157 20.42 13.95 7.69
CA GLU B 157 19.92 14.54 6.45
C GLU B 157 18.43 14.85 6.48
N LEU B 158 17.65 14.18 7.34
CA LEU B 158 16.20 14.32 7.31
C LEU B 158 15.63 15.01 8.54
N VAL B 159 16.40 15.12 9.62
CA VAL B 159 15.98 15.85 10.82
C VAL B 159 16.68 17.20 10.78
N THR B 160 15.91 18.26 10.51
CA THR B 160 16.47 19.60 10.37
C THR B 160 17.45 19.94 11.49
N VAL B 161 17.00 19.82 12.73
CA VAL B 161 17.83 20.17 13.89
C VAL B 161 19.06 19.27 14.01
N THR B 162 19.00 18.06 13.45
CA THR B 162 20.09 17.09 13.54
C THR B 162 20.68 16.76 12.16
#